data_8XJC
#
_entry.id   8XJC
#
_cell.length_a   110.480
_cell.length_b   120.060
_cell.length_c   53.850
_cell.angle_alpha   90.00
_cell.angle_beta   90.00
_cell.angle_gamma   90.00
#
_symmetry.space_group_name_H-M   'P 21 21 2'
#
loop_
_entity.id
_entity.type
_entity.pdbx_description
1 polymer haemophore
2 water water
#
_entity_poly.entity_id   1
_entity_poly.type   'polypeptide(L)'
_entity_poly.pdbx_seq_one_letter_code
;MKSKTLLPAIALLYLTANAQDKRDITAIKNMAGCYEVSFNFSETFSPNKEYKKKDNYHSKALEWVAVVEEQPNKIALQHL
LVVNPKGEGKNAIVKHWRQDWLYENTDLYVFNKENHWKYKSLNPKQVKGQWTQIVYQVDDAPRYSGSGTWIHLDEKTFWE
STADAPLPRREYTTRTDYNVLNRTNRHEITEWGWLHFQDNKKILRQDNQEDTIVAEEIGKEYYKKIDDKKCLIAQNYWKE
YAPLWAAVREEWANKMNKKQDLYVKPKVQDTYLYSELMKLEPQQTTEAKELVKKYIVK
;
_entity_poly.pdbx_strand_id   A,B
#
# COMPACT_ATOMS: atom_id res chain seq x y z
N ASP A 21 14.10 -18.38 -4.44
CA ASP A 21 15.10 -17.37 -4.62
C ASP A 21 15.96 -17.57 -3.45
N LYS A 22 15.61 -18.50 -2.57
CA LYS A 22 16.36 -18.74 -1.33
C LYS A 22 16.11 -17.62 -0.39
N ARG A 23 16.11 -16.41 -0.92
CA ARG A 23 15.83 -15.25 -0.12
C ARG A 23 14.37 -15.31 0.22
N ASP A 24 13.62 -16.11 -0.50
CA ASP A 24 12.20 -16.27 -0.23
C ASP A 24 12.02 -16.92 1.09
N ILE A 25 12.76 -17.99 1.35
CA ILE A 25 12.66 -18.73 2.59
C ILE A 25 13.23 -17.95 3.73
N THR A 26 14.28 -17.20 3.47
CA THR A 26 14.89 -16.38 4.48
C THR A 26 13.91 -15.32 4.93
N ALA A 27 13.12 -14.79 4.02
CA ALA A 27 12.12 -13.79 4.34
C ALA A 27 10.98 -14.25 5.21
N ILE A 28 10.47 -15.44 4.97
CA ILE A 28 9.40 -15.99 5.78
C ILE A 28 9.89 -16.29 7.18
N LYS A 29 11.11 -16.78 7.28
CA LYS A 29 11.66 -17.15 8.56
C LYS A 29 12.14 -15.97 9.36
N ASN A 30 12.06 -14.77 8.81
CA ASN A 30 12.42 -13.55 9.54
C ASN A 30 11.18 -12.98 10.15
N MET A 31 10.06 -13.65 9.97
CA MET A 31 8.81 -13.20 10.54
C MET A 31 8.63 -13.92 11.83
N ALA A 32 9.69 -14.56 12.28
CA ALA A 32 9.64 -15.31 13.50
C ALA A 32 10.49 -14.72 14.59
N GLY A 33 10.09 -14.91 15.84
CA GLY A 33 10.84 -14.40 16.97
C GLY A 33 9.93 -13.90 18.04
N CYS A 34 10.44 -13.07 18.94
CA CYS A 34 9.58 -12.45 19.95
C CYS A 34 9.32 -11.04 19.50
N TYR A 35 8.05 -10.65 19.50
CA TYR A 35 7.68 -9.34 19.02
C TYR A 35 6.72 -8.58 19.89
N GLU A 36 6.81 -7.26 19.86
CA GLU A 36 5.86 -6.42 20.54
C GLU A 36 5.04 -5.85 19.44
N VAL A 37 3.75 -6.19 19.38
CA VAL A 37 2.92 -5.80 18.25
C VAL A 37 1.98 -4.66 18.50
N SER A 38 1.90 -3.75 17.55
CA SER A 38 1.01 -2.62 17.64
C SER A 38 0.01 -2.77 16.56
N PHE A 39 -1.25 -2.84 16.93
CA PHE A 39 -2.30 -3.01 15.96
C PHE A 39 -3.02 -1.72 15.75
N ASN A 40 -3.12 -1.28 14.50
CA ASN A 40 -3.71 -0.01 14.18
C ASN A 40 -4.65 -0.12 13.00
N PHE A 41 -5.90 0.27 13.17
CA PHE A 41 -6.90 0.20 12.11
C PHE A 41 -7.73 1.48 11.93
N SER A 42 -7.83 2.00 10.71
CA SER A 42 -8.58 3.23 10.43
C SER A 42 -9.43 3.13 9.23
N GLU A 43 -10.69 3.46 9.39
CA GLU A 43 -11.58 3.45 8.28
C GLU A 43 -11.32 4.65 7.43
N THR A 44 -11.42 4.48 6.12
CA THR A 44 -11.08 5.53 5.20
C THR A 44 -12.20 6.00 4.29
N PHE A 45 -12.48 5.25 3.25
CA PHE A 45 -13.48 5.65 2.28
C PHE A 45 -14.73 4.79 2.22
N SER A 46 -15.84 5.34 1.73
CA SER A 46 -17.05 4.57 1.56
C SER A 46 -17.84 5.13 0.42
N PRO A 47 -18.53 4.25 -0.36
CA PRO A 47 -19.35 4.83 -1.41
C PRO A 47 -20.60 5.50 -0.93
N ASN A 48 -21.03 5.23 0.29
CA ASN A 48 -22.16 5.91 0.85
C ASN A 48 -21.60 7.20 1.37
N LYS A 49 -22.11 8.30 0.89
CA LYS A 49 -21.60 9.59 1.27
C LYS A 49 -22.01 9.93 2.67
N GLU A 50 -23.10 9.34 3.11
CA GLU A 50 -23.63 9.65 4.41
C GLU A 50 -23.04 8.79 5.48
N TYR A 51 -22.02 8.01 5.12
CA TYR A 51 -21.43 7.09 6.05
C TYR A 51 -20.69 7.75 7.17
N LYS A 52 -20.83 7.19 8.37
CA LYS A 52 -20.12 7.71 9.51
C LYS A 52 -19.03 6.78 9.88
N LYS A 53 -17.80 7.24 9.78
CA LYS A 53 -16.67 6.42 10.05
C LYS A 53 -16.58 6.05 11.49
N LYS A 54 -16.15 4.82 11.75
CA LYS A 54 -16.01 4.38 13.10
C LYS A 54 -14.68 4.80 13.64
N ASP A 55 -14.53 4.74 14.95
CA ASP A 55 -13.30 5.13 15.59
C ASP A 55 -12.18 4.18 15.35
N ASN A 56 -10.96 4.69 15.41
CA ASN A 56 -9.82 3.88 15.07
C ASN A 56 -9.47 2.90 16.15
N TYR A 57 -8.99 1.74 15.76
CA TYR A 57 -8.64 0.71 16.71
C TYR A 57 -7.19 0.65 16.96
N HIS A 58 -6.81 0.63 18.23
CA HIS A 58 -5.43 0.47 18.57
C HIS A 58 -5.34 -0.51 19.68
N SER A 59 -4.39 -1.42 19.57
CA SER A 59 -4.15 -2.36 20.62
C SER A 59 -2.69 -2.72 20.58
N LYS A 60 -2.21 -3.34 21.64
CA LYS A 60 -0.85 -3.82 21.67
C LYS A 60 -0.80 -5.23 22.23
N ALA A 61 0.22 -5.98 21.89
CA ALA A 61 0.35 -7.33 22.38
C ALA A 61 1.73 -7.88 22.32
N LEU A 62 1.97 -8.94 23.08
CA LEU A 62 3.24 -9.60 23.04
C LEU A 62 3.03 -10.92 22.36
N GLU A 63 3.79 -11.20 21.32
CA GLU A 63 3.64 -12.42 20.58
C GLU A 63 4.90 -13.17 20.30
N TRP A 64 4.78 -14.48 20.25
CA TRP A 64 5.89 -15.32 19.88
C TRP A 64 5.54 -15.99 18.58
N VAL A 65 6.35 -15.79 17.57
CA VAL A 65 6.14 -16.47 16.32
C VAL A 65 7.20 -17.53 16.21
N ALA A 66 6.77 -18.76 15.96
CA ALA A 66 7.67 -19.89 15.91
C ALA A 66 7.60 -20.69 14.63
N VAL A 67 8.72 -21.24 14.18
CA VAL A 67 8.72 -22.08 13.00
C VAL A 67 8.41 -23.51 13.34
N VAL A 68 7.13 -23.89 13.29
CA VAL A 68 6.72 -25.24 13.65
C VAL A 68 7.04 -26.29 12.62
N GLU A 69 6.83 -26.00 11.34
CA GLU A 69 7.14 -26.93 10.28
C GLU A 69 7.97 -26.36 9.17
N GLU A 70 9.15 -26.89 8.94
CA GLU A 70 9.97 -26.46 7.81
C GLU A 70 10.39 -27.62 6.95
N GLN A 71 9.95 -27.62 5.70
CA GLN A 71 10.27 -28.67 4.78
C GLN A 71 10.74 -27.86 3.62
N PRO A 72 11.20 -28.49 2.53
CA PRO A 72 11.70 -27.61 1.48
C PRO A 72 10.72 -26.59 0.91
N ASN A 73 9.47 -26.96 0.67
CA ASN A 73 8.54 -26.03 0.06
C ASN A 73 7.36 -25.70 0.95
N LYS A 74 7.55 -25.84 2.26
CA LYS A 74 6.51 -25.49 3.22
C LYS A 74 7.08 -24.99 4.52
N ILE A 75 6.72 -23.79 4.91
CA ILE A 75 7.14 -23.23 6.17
C ILE A 75 5.91 -22.79 6.90
N ALA A 76 5.74 -23.24 8.12
CA ALA A 76 4.61 -22.85 8.93
C ALA A 76 5.03 -22.08 10.15
N LEU A 77 4.31 -21.00 10.43
CA LEU A 77 4.64 -20.16 11.55
C LEU A 77 3.47 -20.01 12.50
N GLN A 78 3.68 -20.29 13.77
CA GLN A 78 2.61 -20.19 14.75
C GLN A 78 2.76 -18.99 15.63
N HIS A 79 1.68 -18.24 15.79
CA HIS A 79 1.72 -17.06 16.60
C HIS A 79 1.08 -17.37 17.92
N LEU A 80 1.76 -17.07 19.01
CA LEU A 80 1.23 -17.30 20.32
C LEU A 80 1.31 -15.99 21.08
N LEU A 81 0.26 -15.62 21.80
CA LEU A 81 0.24 -14.38 22.55
C LEU A 81 0.40 -14.58 24.02
N VAL A 82 1.32 -13.84 24.63
CA VAL A 82 1.48 -13.91 26.07
C VAL A 82 0.56 -12.87 26.66
N VAL A 83 -0.46 -13.32 27.39
CA VAL A 83 -1.44 -12.41 27.91
C VAL A 83 -1.07 -12.01 29.32
N ASN A 84 -0.40 -12.89 30.04
CA ASN A 84 0.09 -12.54 31.35
C ASN A 84 1.55 -12.86 31.41
N PRO A 85 2.42 -11.83 31.51
CA PRO A 85 3.82 -12.26 31.53
C PRO A 85 4.29 -12.66 32.90
N LYS A 86 3.48 -12.45 33.92
CA LYS A 86 3.85 -12.92 35.26
C LYS A 86 3.18 -14.25 35.50
N GLY A 87 2.69 -14.91 34.45
CA GLY A 87 1.95 -16.15 34.62
C GLY A 87 2.74 -17.40 34.37
N GLU A 88 2.04 -18.54 34.42
CA GLU A 88 2.70 -19.82 34.21
C GLU A 88 1.96 -20.75 33.28
N GLY A 89 2.56 -21.07 32.14
CA GLY A 89 1.95 -22.04 31.24
C GLY A 89 0.73 -21.69 30.45
N LYS A 90 -0.21 -22.62 30.41
CA LYS A 90 -1.40 -22.46 29.57
C LYS A 90 -2.26 -21.26 29.77
N ASN A 91 -2.52 -20.88 31.02
CA ASN A 91 -3.46 -19.77 31.19
C ASN A 91 -2.81 -18.43 31.04
N ALA A 92 -1.53 -18.44 30.72
CA ALA A 92 -0.84 -17.20 30.47
C ALA A 92 -0.64 -17.04 28.99
N ILE A 93 -1.05 -18.03 28.22
CA ILE A 93 -0.85 -18.01 26.78
C ILE A 93 -2.13 -18.17 26.03
N VAL A 94 -2.31 -17.38 24.97
CA VAL A 94 -3.50 -17.49 24.13
C VAL A 94 -3.02 -17.75 22.71
N LYS A 95 -3.54 -18.79 22.08
CA LYS A 95 -3.12 -19.15 20.73
C LYS A 95 -3.53 -18.08 19.71
N HIS A 96 -2.73 -17.88 18.67
CA HIS A 96 -3.03 -16.87 17.65
C HIS A 96 -2.79 -17.42 16.25
N TRP A 97 -3.37 -16.79 15.24
CA TRP A 97 -3.26 -17.30 13.85
C TRP A 97 -1.97 -17.96 13.34
N ARG A 98 -2.06 -19.21 12.87
CA ARG A 98 -0.93 -19.88 12.24
C ARG A 98 -0.82 -19.39 10.81
N GLN A 99 0.37 -19.46 10.22
CA GLN A 99 0.53 -18.94 8.90
C GLN A 99 1.34 -19.96 8.14
N ASP A 100 0.71 -20.68 7.23
CA ASP A 100 1.39 -21.72 6.48
C ASP A 100 1.76 -21.26 5.11
N TRP A 101 3.00 -21.44 4.75
CA TRP A 101 3.48 -20.94 3.47
C TRP A 101 3.85 -22.06 2.53
N LEU A 102 3.20 -22.12 1.38
CA LEU A 102 3.39 -23.19 0.44
C LEU A 102 3.80 -22.77 -0.95
N TYR A 103 4.95 -23.22 -1.41
CA TYR A 103 5.49 -22.83 -2.71
C TYR A 103 4.87 -23.48 -3.89
N GLU A 104 4.47 -22.67 -4.85
CA GLU A 104 3.82 -23.15 -6.05
C GLU A 104 2.65 -24.05 -5.77
N ASN A 105 1.73 -23.58 -4.93
CA ASN A 105 0.59 -24.38 -4.53
C ASN A 105 -0.63 -24.07 -5.36
N THR A 106 -1.29 -25.11 -5.83
CA THR A 106 -2.45 -24.94 -6.66
C THR A 106 -3.73 -25.23 -5.93
N ASP A 107 -3.66 -25.60 -4.68
CA ASP A 107 -4.84 -26.00 -3.93
C ASP A 107 -5.13 -25.02 -2.84
N LEU A 108 -6.25 -24.33 -2.92
CA LEU A 108 -6.55 -23.30 -1.95
C LEU A 108 -7.92 -23.36 -1.41
N TYR A 109 -8.10 -22.96 -0.17
CA TYR A 109 -9.42 -22.88 0.40
C TYR A 109 -9.73 -21.43 0.61
N VAL A 110 -10.77 -20.96 -0.03
CA VAL A 110 -11.10 -19.57 0.02
C VAL A 110 -12.43 -19.31 0.68
N PHE A 111 -12.48 -18.29 1.51
CA PHE A 111 -13.67 -17.95 2.20
C PHE A 111 -14.75 -17.47 1.30
N ASN A 112 -15.94 -18.02 1.48
CA ASN A 112 -17.08 -17.57 0.72
C ASN A 112 -17.82 -16.73 1.69
N LYS A 113 -18.60 -17.39 2.53
CA LYS A 113 -19.29 -16.68 3.55
C LYS A 113 -19.78 -17.58 4.63
N GLU A 114 -20.04 -17.07 5.81
CA GLU A 114 -20.72 -17.85 6.84
C GLU A 114 -20.31 -19.25 7.13
N ASN A 115 -19.10 -19.46 7.60
CA ASN A 115 -18.69 -20.78 7.99
C ASN A 115 -18.53 -21.71 6.81
N HIS A 116 -18.43 -21.14 5.62
CA HIS A 116 -18.21 -21.93 4.41
C HIS A 116 -16.98 -21.48 3.67
N TRP A 117 -16.09 -22.41 3.39
CA TRP A 117 -14.91 -22.12 2.62
C TRP A 117 -14.99 -22.98 1.38
N LYS A 118 -14.73 -22.41 0.22
CA LYS A 118 -14.79 -23.14 -1.02
C LYS A 118 -13.43 -23.52 -1.54
N TYR A 119 -13.29 -24.73 -2.07
CA TYR A 119 -12.05 -25.13 -2.66
C TYR A 119 -11.84 -24.53 -4.01
N LYS A 120 -10.63 -24.05 -4.26
CA LYS A 120 -10.28 -23.45 -5.51
C LYS A 120 -9.02 -24.04 -6.05
N SER A 121 -9.03 -24.42 -7.32
CA SER A 121 -7.84 -24.93 -7.96
C SER A 121 -7.25 -23.85 -8.81
N LEU A 122 -5.95 -23.78 -8.89
CA LEU A 122 -5.31 -22.78 -9.67
C LEU A 122 -4.51 -23.49 -10.72
N ASN A 123 -4.18 -22.81 -11.80
CA ASN A 123 -3.40 -23.41 -12.86
C ASN A 123 -2.00 -23.21 -12.41
N PRO A 124 -1.21 -24.32 -12.46
CA PRO A 124 0.18 -24.11 -12.11
C PRO A 124 0.92 -22.98 -12.76
N LYS A 125 0.42 -22.49 -13.88
CA LYS A 125 1.13 -21.44 -14.60
C LYS A 125 1.03 -20.16 -13.86
N GLN A 126 -0.07 -19.95 -13.19
CA GLN A 126 -0.29 -18.73 -12.46
C GLN A 126 0.52 -18.67 -11.19
N VAL A 127 0.87 -19.82 -10.64
CA VAL A 127 1.55 -19.88 -9.36
C VAL A 127 3.05 -20.05 -9.39
N LYS A 128 3.65 -19.91 -10.55
CA LYS A 128 5.09 -20.02 -10.65
C LYS A 128 5.78 -18.91 -9.93
N GLY A 129 6.65 -19.24 -9.00
CA GLY A 129 7.41 -18.24 -8.28
C GLY A 129 6.63 -17.73 -7.13
N GLN A 130 5.44 -18.25 -6.98
CA GLN A 130 4.57 -17.78 -5.96
C GLN A 130 4.48 -18.69 -4.79
N TRP A 131 4.09 -18.13 -3.65
CA TRP A 131 3.88 -18.91 -2.46
C TRP A 131 2.48 -18.62 -2.01
N THR A 132 1.86 -19.58 -1.36
CA THR A 132 0.52 -19.41 -0.87
C THR A 132 0.57 -19.31 0.62
N GLN A 133 -0.13 -18.34 1.18
CA GLN A 133 -0.20 -18.25 2.61
C GLN A 133 -1.57 -18.58 3.03
N ILE A 134 -1.71 -19.67 3.75
CA ILE A 134 -2.98 -20.04 4.29
C ILE A 134 -2.89 -19.65 5.73
N VAL A 135 -3.83 -18.82 6.17
CA VAL A 135 -3.85 -18.39 7.53
C VAL A 135 -4.90 -19.20 8.20
N TYR A 136 -4.60 -19.66 9.39
CA TYR A 136 -5.52 -20.49 10.12
C TYR A 136 -5.93 -19.80 11.37
N GLN A 137 -6.99 -20.29 11.95
CA GLN A 137 -7.53 -19.70 13.14
C GLN A 137 -6.98 -20.32 14.39
N VAL A 138 -7.48 -19.89 15.53
CA VAL A 138 -7.04 -20.44 16.78
C VAL A 138 -7.34 -21.92 16.92
N ASP A 139 -8.50 -22.36 16.44
CA ASP A 139 -8.83 -23.77 16.45
C ASP A 139 -8.13 -24.46 15.32
N ASP A 140 -7.17 -23.78 14.69
CA ASP A 140 -6.45 -24.34 13.55
C ASP A 140 -7.32 -24.61 12.34
N ALA A 141 -8.48 -23.99 12.27
CA ALA A 141 -9.35 -24.12 11.13
C ALA A 141 -8.88 -23.12 10.13
N PRO A 142 -9.28 -23.29 8.83
CA PRO A 142 -8.80 -22.26 7.94
C PRO A 142 -9.52 -20.94 7.97
N ARG A 143 -8.85 -19.87 7.57
CA ARG A 143 -9.44 -18.54 7.60
C ARG A 143 -9.37 -17.94 6.23
N TYR A 144 -8.16 -17.73 5.74
CA TYR A 144 -7.99 -17.20 4.42
C TYR A 144 -6.77 -17.70 3.67
N SER A 145 -6.87 -17.77 2.36
CA SER A 145 -5.76 -18.21 1.53
C SER A 145 -5.53 -17.26 0.38
N GLY A 146 -4.29 -17.08 0.01
CA GLY A 146 -3.97 -16.25 -1.12
C GLY A 146 -2.59 -16.58 -1.61
N SER A 147 -2.29 -16.21 -2.85
CA SER A 147 -1.00 -16.50 -3.44
C SER A 147 -0.30 -15.31 -4.06
N GLY A 148 1.00 -15.27 -3.91
CA GLY A 148 1.77 -14.19 -4.46
C GLY A 148 3.24 -14.40 -4.43
N THR A 149 3.98 -13.59 -5.14
CA THR A 149 5.42 -13.69 -5.21
C THR A 149 6.11 -12.77 -4.22
N TRP A 150 7.22 -13.22 -3.65
CA TRP A 150 7.99 -12.40 -2.75
C TRP A 150 8.89 -11.52 -3.56
N ILE A 151 8.88 -10.22 -3.30
CA ILE A 151 9.69 -9.27 -4.02
C ILE A 151 10.92 -8.91 -3.23
N HIS A 152 12.08 -8.95 -3.87
CA HIS A 152 13.31 -8.67 -3.21
C HIS A 152 14.00 -7.66 -4.05
N LEU A 153 13.47 -6.46 -4.07
CA LEU A 153 14.00 -5.44 -4.92
C LEU A 153 13.94 -4.12 -4.21
N ASP A 154 14.74 -3.16 -4.64
CA ASP A 154 14.74 -1.81 -4.08
C ASP A 154 15.06 -1.79 -2.61
N GLU A 155 15.84 -2.77 -2.16
CA GLU A 155 16.20 -2.89 -0.75
C GLU A 155 14.99 -3.14 0.10
N LYS A 156 13.99 -3.72 -0.51
CA LYS A 156 12.77 -4.00 0.18
C LYS A 156 12.42 -5.45 0.02
N THR A 157 11.90 -6.08 1.06
CA THR A 157 11.49 -7.47 0.99
C THR A 157 10.03 -7.57 1.31
N PHE A 158 9.20 -7.78 0.29
CA PHE A 158 7.78 -7.82 0.51
C PHE A 158 6.95 -8.86 -0.23
N TRP A 159 5.76 -9.16 0.28
CA TRP A 159 4.84 -10.08 -0.34
C TRP A 159 3.46 -9.51 -0.23
N GLU A 160 2.69 -9.56 -1.31
CA GLU A 160 1.32 -9.07 -1.28
C GLU A 160 0.33 -9.99 -1.94
N SER A 161 -0.87 -10.06 -1.39
CA SER A 161 -1.93 -10.87 -1.98
C SER A 161 -3.27 -10.39 -1.49
N THR A 162 -4.33 -10.74 -2.20
CA THR A 162 -5.67 -10.37 -1.81
C THR A 162 -6.50 -11.59 -1.49
N ALA A 163 -7.23 -11.54 -0.39
CA ALA A 163 -8.03 -12.67 0.05
C ALA A 163 -9.26 -12.28 0.80
N ASP A 164 -10.38 -12.84 0.45
CA ASP A 164 -11.60 -12.58 1.18
C ASP A 164 -11.49 -13.33 2.49
N ALA A 165 -11.90 -12.72 3.58
CA ALA A 165 -11.74 -13.35 4.87
C ALA A 165 -12.91 -13.22 5.79
N PRO A 166 -12.93 -14.06 6.86
CA PRO A 166 -14.00 -13.81 7.82
C PRO A 166 -13.73 -12.60 8.64
N LEU A 167 -14.71 -12.14 9.38
CA LEU A 167 -14.54 -10.94 10.16
C LEU A 167 -13.72 -11.18 11.36
N PRO A 168 -12.84 -10.22 11.68
CA PRO A 168 -12.13 -10.43 12.92
C PRO A 168 -12.94 -10.11 14.18
N ARG A 169 -12.43 -10.47 15.35
CA ARG A 169 -13.11 -10.20 16.62
C ARG A 169 -13.31 -8.76 16.84
N ARG A 170 -12.36 -7.97 16.40
CA ARG A 170 -12.43 -6.55 16.56
C ARG A 170 -13.70 -6.07 15.94
N GLU A 171 -14.14 -6.76 14.90
CA GLU A 171 -15.31 -6.31 14.18
C GLU A 171 -16.59 -7.06 14.45
N TYR A 172 -16.53 -8.33 14.78
CA TYR A 172 -17.78 -9.03 14.98
C TYR A 172 -18.35 -8.75 16.34
N THR A 173 -17.49 -8.35 17.26
CA THR A 173 -17.92 -8.02 18.60
C THR A 173 -18.61 -6.69 18.55
N THR A 174 -18.38 -5.94 17.48
CA THR A 174 -18.91 -4.59 17.41
C THR A 174 -19.89 -4.33 16.27
N ARG A 175 -19.86 -5.10 15.20
CA ARG A 175 -20.69 -4.80 14.04
C ARG A 175 -21.35 -5.95 13.34
N THR A 176 -22.53 -5.72 12.74
CA THR A 176 -23.25 -6.74 11.98
C THR A 176 -23.54 -6.08 10.66
N ASP A 177 -22.83 -5.01 10.35
CA ASP A 177 -23.05 -4.24 9.14
C ASP A 177 -22.61 -4.93 7.86
N TYR A 178 -21.76 -5.93 7.99
CA TYR A 178 -21.21 -6.60 6.82
C TYR A 178 -20.76 -7.98 7.17
N ASN A 179 -20.55 -8.82 6.16
CA ASN A 179 -20.22 -10.21 6.43
C ASN A 179 -18.91 -10.77 5.87
N VAL A 180 -18.28 -10.06 4.94
CA VAL A 180 -17.03 -10.51 4.38
C VAL A 180 -16.03 -9.38 4.40
N LEU A 181 -14.78 -9.66 4.73
CA LEU A 181 -13.75 -8.65 4.69
C LEU A 181 -12.75 -8.99 3.60
N ASN A 182 -12.70 -8.19 2.54
CA ASN A 182 -11.71 -8.41 1.50
C ASN A 182 -10.42 -7.78 1.95
N ARG A 183 -9.35 -8.55 1.98
CA ARG A 183 -8.10 -8.06 2.48
C ARG A 183 -6.99 -8.11 1.50
N THR A 184 -6.31 -6.99 1.29
CA THR A 184 -5.12 -7.00 0.48
C THR A 184 -4.07 -6.95 1.55
N ASN A 185 -3.28 -8.00 1.67
CA ASN A 185 -2.29 -8.10 2.72
C ASN A 185 -0.86 -7.96 2.25
N ARG A 186 -0.09 -7.13 2.93
CA ARG A 186 1.31 -6.93 2.59
C ARG A 186 2.18 -7.26 3.74
N HIS A 187 3.10 -8.19 3.53
CA HIS A 187 4.01 -8.56 4.55
C HIS A 187 5.35 -8.03 4.15
N GLU A 188 5.90 -7.16 4.94
CA GLU A 188 7.18 -6.59 4.65
C GLU A 188 8.17 -6.74 5.75
N ILE A 189 9.37 -7.18 5.42
CA ILE A 189 10.42 -7.31 6.40
C ILE A 189 11.12 -6.00 6.58
N THR A 190 11.33 -5.63 7.83
CA THR A 190 11.93 -4.35 8.18
C THR A 190 13.09 -4.59 9.13
N GLU A 191 13.92 -3.60 9.34
CA GLU A 191 15.04 -3.73 10.26
C GLU A 191 14.60 -3.97 11.67
N TRP A 192 13.55 -3.32 12.09
CA TRP A 192 13.01 -3.54 13.41
C TRP A 192 12.15 -4.79 13.53
N GLY A 193 11.82 -5.43 12.43
CA GLY A 193 10.94 -6.57 12.47
C GLY A 193 10.18 -6.75 11.20
N TRP A 194 8.88 -6.89 11.30
CA TRP A 194 8.05 -6.97 10.13
C TRP A 194 6.77 -6.17 10.26
N LEU A 195 6.19 -5.83 9.14
CA LEU A 195 4.97 -5.06 9.13
C LEU A 195 3.89 -5.76 8.39
N HIS A 196 2.66 -5.70 8.89
CA HIS A 196 1.53 -6.24 8.18
C HIS A 196 0.63 -5.10 7.78
N PHE A 197 0.78 -4.62 6.57
CA PHE A 197 -0.05 -3.55 6.04
C PHE A 197 -1.28 -4.12 5.40
N GLN A 198 -2.42 -3.53 5.70
CA GLN A 198 -3.67 -4.03 5.17
C GLN A 198 -4.56 -3.02 4.51
N ASP A 199 -4.90 -3.25 3.24
CA ASP A 199 -5.84 -2.41 2.52
C ASP A 199 -7.06 -3.29 2.39
N ASN A 200 -8.06 -3.06 3.23
CA ASN A 200 -9.22 -3.92 3.27
C ASN A 200 -10.55 -3.29 2.87
N LYS A 201 -11.45 -4.08 2.35
CA LYS A 201 -12.76 -3.60 1.95
C LYS A 201 -13.81 -4.35 2.71
N LYS A 202 -14.80 -3.64 3.24
CA LYS A 202 -15.85 -4.24 4.05
C LYS A 202 -17.09 -4.50 3.26
N ILE A 203 -17.38 -5.75 2.93
CA ILE A 203 -18.47 -6.06 2.05
C ILE A 203 -19.66 -6.81 2.56
N LEU A 204 -20.86 -6.43 2.12
CA LEU A 204 -22.07 -7.16 2.46
C LEU A 204 -22.42 -8.00 1.27
N ARG A 205 -22.33 -9.31 1.42
CA ARG A 205 -22.67 -10.24 0.36
C ARG A 205 -23.99 -10.76 0.84
N GLN A 206 -25.08 -10.49 0.13
CA GLN A 206 -26.39 -10.83 0.68
C GLN A 206 -27.53 -11.22 -0.21
N ASP A 207 -28.73 -11.19 0.38
CA ASP A 207 -29.94 -11.51 -0.36
C ASP A 207 -30.77 -10.24 -0.49
N ASN A 208 -31.35 -9.99 -1.66
CA ASN A 208 -32.18 -8.80 -1.94
C ASN A 208 -31.33 -7.63 -2.35
N GLN A 209 -30.03 -7.84 -2.43
CA GLN A 209 -29.13 -6.80 -2.91
C GLN A 209 -27.81 -7.57 -3.07
N GLU A 210 -26.91 -7.07 -3.91
CA GLU A 210 -25.64 -7.74 -4.11
C GLU A 210 -24.47 -7.10 -3.39
N ASP A 211 -23.26 -7.55 -3.68
CA ASP A 211 -22.09 -7.07 -2.97
C ASP A 211 -22.06 -5.58 -2.80
N THR A 212 -22.14 -5.14 -1.57
CA THR A 212 -22.05 -3.74 -1.31
C THR A 212 -20.84 -3.47 -0.45
N ILE A 213 -19.98 -2.56 -0.85
CA ILE A 213 -18.85 -2.21 -0.02
C ILE A 213 -19.37 -1.17 0.92
N VAL A 214 -19.30 -1.47 2.20
CA VAL A 214 -19.81 -0.57 3.20
C VAL A 214 -18.76 0.45 3.49
N ALA A 215 -17.53 0.01 3.67
CA ALA A 215 -16.43 0.91 3.94
C ALA A 215 -15.09 0.32 3.67
N GLU A 216 -14.08 1.16 3.62
CA GLU A 216 -12.73 0.71 3.38
C GLU A 216 -11.89 1.03 4.59
N GLU A 217 -10.94 0.15 4.90
CA GLU A 217 -10.07 0.37 6.03
C GLU A 217 -8.63 0.15 5.75
N ILE A 218 -7.79 0.85 6.48
CA ILE A 218 -6.36 0.69 6.34
C ILE A 218 -5.84 0.24 7.67
N GLY A 219 -5.02 -0.78 7.65
CA GLY A 219 -4.45 -1.28 8.86
C GLY A 219 -2.98 -1.46 8.79
N LYS A 220 -2.30 -1.12 9.87
CA LYS A 220 -0.86 -1.23 9.91
C LYS A 220 -0.46 -1.88 11.19
N GLU A 221 0.08 -3.07 11.10
CA GLU A 221 0.50 -3.80 12.26
C GLU A 221 1.99 -3.86 12.34
N TYR A 222 2.56 -3.37 13.43
CA TYR A 222 3.98 -3.31 13.57
C TYR A 222 4.49 -4.35 14.50
N TYR A 223 5.34 -5.20 14.02
CA TYR A 223 5.87 -6.27 14.81
C TYR A 223 7.29 -5.95 15.04
N LYS A 224 7.60 -5.39 16.19
CA LYS A 224 8.93 -5.00 16.53
C LYS A 224 9.66 -6.02 17.34
N LYS A 225 10.83 -6.41 16.90
CA LYS A 225 11.59 -7.46 17.54
C LYS A 225 12.17 -7.15 18.88
N ILE A 226 11.94 -8.04 19.84
CA ILE A 226 12.38 -7.84 21.17
C ILE A 226 13.08 -9.07 21.70
N ASP A 227 13.60 -9.02 22.92
CA ASP A 227 14.32 -10.13 23.51
C ASP A 227 13.51 -11.37 23.64
N ASP A 228 14.13 -12.49 23.35
CA ASP A 228 13.43 -13.75 23.39
C ASP A 228 12.97 -14.11 24.77
N LYS A 229 13.56 -13.52 25.79
CA LYS A 229 13.24 -13.92 27.13
C LYS A 229 11.81 -13.64 27.44
N LYS A 230 11.32 -12.55 26.89
CA LYS A 230 9.98 -12.17 27.17
C LYS A 230 8.98 -13.17 26.65
N CYS A 231 9.42 -14.03 25.74
CA CYS A 231 8.49 -14.95 25.10
C CYS A 231 8.65 -16.38 25.53
N LEU A 232 9.48 -16.63 26.51
CA LEU A 232 9.72 -17.99 26.96
C LEU A 232 8.54 -18.71 27.57
N ILE A 233 7.76 -18.04 28.37
CA ILE A 233 6.57 -18.65 28.91
C ILE A 233 5.84 -19.36 27.79
N ALA A 234 5.77 -18.73 26.62
CA ALA A 234 5.15 -19.31 25.44
C ALA A 234 5.94 -20.42 24.81
N GLN A 235 7.25 -20.26 24.80
CA GLN A 235 8.10 -21.28 24.26
C GLN A 235 7.92 -22.53 25.06
N ASN A 236 7.79 -22.38 26.36
CA ASN A 236 7.59 -23.51 27.23
C ASN A 236 6.28 -24.22 27.00
N TYR A 237 5.21 -23.46 26.79
CA TYR A 237 3.91 -24.05 26.55
C TYR A 237 3.97 -24.87 25.31
N TRP A 238 4.60 -24.34 24.30
CA TRP A 238 4.62 -25.04 23.04
C TRP A 238 5.37 -26.34 23.18
N LYS A 239 6.47 -26.35 23.92
CA LYS A 239 7.15 -27.62 24.12
C LYS A 239 6.23 -28.69 24.70
N GLU A 240 5.28 -28.30 25.54
CA GLU A 240 4.39 -29.27 26.15
C GLU A 240 3.16 -29.58 25.34
N TYR A 241 2.50 -28.54 24.83
CA TYR A 241 1.24 -28.76 24.12
C TYR A 241 1.34 -28.86 22.61
N ALA A 242 2.54 -28.85 22.07
CA ALA A 242 2.71 -28.96 20.64
C ALA A 242 2.07 -30.18 20.04
N PRO A 243 2.28 -31.37 20.64
CA PRO A 243 1.70 -32.48 19.92
C PRO A 243 0.19 -32.53 19.87
N LEU A 244 -0.49 -31.97 20.84
CA LEU A 244 -1.93 -31.91 20.79
C LEU A 244 -2.33 -31.11 19.58
N TRP A 245 -1.65 -30.02 19.34
CA TRP A 245 -2.01 -29.16 18.23
C TRP A 245 -1.57 -29.73 16.92
N ALA A 246 -0.54 -30.55 16.92
CA ALA A 246 -0.13 -31.19 15.70
C ALA A 246 -1.24 -32.10 15.30
N ALA A 247 -1.95 -32.62 16.28
CA ALA A 247 -3.01 -33.54 16.01
C ALA A 247 -4.21 -32.84 15.46
N VAL A 248 -4.49 -31.65 15.96
CA VAL A 248 -5.63 -30.88 15.46
C VAL A 248 -5.36 -30.51 14.02
N ARG A 249 -4.12 -30.24 13.69
CA ARG A 249 -3.78 -29.89 12.35
C ARG A 249 -3.92 -31.09 11.45
N GLU A 250 -3.72 -32.27 11.99
CA GLU A 250 -3.82 -33.48 11.19
C GLU A 250 -5.23 -33.76 10.76
N GLU A 251 -6.19 -33.51 11.63
CA GLU A 251 -7.58 -33.76 11.28
C GLU A 251 -8.12 -32.77 10.27
N TRP A 252 -7.76 -31.52 10.42
CA TRP A 252 -8.19 -30.51 9.46
C TRP A 252 -7.59 -30.82 8.11
N ALA A 253 -6.35 -31.28 8.10
CA ALA A 253 -5.68 -31.62 6.86
C ALA A 253 -6.37 -32.75 6.15
N ASN A 254 -6.87 -33.72 6.90
CA ASN A 254 -7.53 -34.84 6.30
C ASN A 254 -8.66 -34.28 5.53
N LYS A 255 -9.46 -33.44 6.16
CA LYS A 255 -10.64 -32.91 5.49
C LYS A 255 -10.26 -32.09 4.28
N MET A 256 -9.25 -31.26 4.41
CA MET A 256 -8.88 -30.38 3.33
C MET A 256 -8.17 -31.02 2.17
N ASN A 257 -7.55 -32.16 2.40
CA ASN A 257 -6.83 -32.84 1.34
C ASN A 257 -7.79 -33.64 0.52
N LYS A 258 -9.06 -33.58 0.86
CA LYS A 258 -10.07 -34.26 0.09
C LYS A 258 -10.57 -33.32 -0.97
N LYS A 259 -10.04 -32.11 -0.98
CA LYS A 259 -10.38 -31.13 -2.00
C LYS A 259 -11.85 -30.98 -2.27
N GLN A 260 -12.61 -30.74 -1.23
CA GLN A 260 -14.03 -30.55 -1.36
C GLN A 260 -14.35 -29.41 -0.45
N ASP A 261 -15.51 -28.81 -0.60
CA ASP A 261 -15.82 -27.62 0.19
C ASP A 261 -15.99 -27.83 1.69
N LEU A 262 -15.62 -26.85 2.48
CA LEU A 262 -15.69 -26.99 3.92
C LEU A 262 -16.70 -26.15 4.67
N TYR A 263 -17.59 -26.80 5.41
CA TYR A 263 -18.54 -26.10 6.22
C TYR A 263 -18.22 -26.45 7.65
N VAL A 264 -18.05 -25.46 8.49
CA VAL A 264 -17.69 -25.69 9.87
C VAL A 264 -18.80 -25.22 10.77
N LYS A 265 -19.26 -26.12 11.64
CA LYS A 265 -20.29 -25.77 12.58
C LYS A 265 -19.75 -24.75 13.54
N PRO A 266 -20.41 -23.58 13.66
CA PRO A 266 -19.76 -22.64 14.56
C PRO A 266 -19.80 -23.08 16.00
N LYS A 267 -20.89 -23.74 16.39
CA LYS A 267 -21.05 -24.08 17.77
C LYS A 267 -21.84 -25.34 17.92
N VAL A 268 -21.41 -26.23 18.80
CA VAL A 268 -22.21 -27.41 19.11
C VAL A 268 -22.50 -27.34 20.59
N GLN A 269 -23.74 -27.62 20.98
CA GLN A 269 -24.15 -27.57 22.39
C GLN A 269 -23.83 -26.23 22.95
N ASP A 270 -23.92 -25.20 22.13
CA ASP A 270 -23.54 -23.86 22.55
C ASP A 270 -22.12 -23.83 23.09
N THR A 271 -21.26 -24.67 22.54
CA THR A 271 -19.84 -24.66 22.94
C THR A 271 -18.91 -24.47 21.73
N TYR A 272 -17.92 -23.61 21.84
CA TYR A 272 -16.97 -23.38 20.76
C TYR A 272 -15.85 -24.38 20.81
N LEU A 273 -15.24 -24.67 19.67
CA LEU A 273 -14.22 -25.69 19.61
C LEU A 273 -12.97 -25.37 20.36
N TYR A 274 -12.51 -24.14 20.21
CA TYR A 274 -11.28 -23.75 20.84
C TYR A 274 -11.43 -23.91 22.31
N SER A 275 -12.60 -23.59 22.81
CA SER A 275 -12.84 -23.65 24.24
C SER A 275 -12.66 -25.07 24.72
N GLU A 276 -13.16 -26.01 23.95
CA GLU A 276 -13.05 -27.41 24.33
C GLU A 276 -11.65 -27.91 24.27
N LEU A 277 -10.93 -27.57 23.21
CA LEU A 277 -9.55 -27.94 23.11
C LEU A 277 -8.76 -27.26 24.19
N MET A 278 -9.13 -26.03 24.50
CA MET A 278 -8.40 -25.29 25.51
C MET A 278 -8.69 -25.82 26.90
N LYS A 279 -9.59 -26.78 26.99
CA LYS A 279 -9.90 -27.37 28.27
C LYS A 279 -9.21 -28.68 28.35
N LEU A 280 -8.27 -28.92 27.45
CA LEU A 280 -7.67 -30.23 27.43
C LEU A 280 -6.27 -30.23 27.90
N GLU A 281 -5.61 -31.37 27.79
CA GLU A 281 -4.27 -31.51 28.29
C GLU A 281 -3.44 -32.07 27.19
N PRO A 282 -2.12 -31.99 27.31
CA PRO A 282 -1.30 -32.40 26.17
C PRO A 282 -1.54 -33.82 25.80
N GLN A 283 -1.73 -34.65 26.80
CA GLN A 283 -1.91 -36.06 26.58
C GLN A 283 -3.14 -36.42 25.81
N GLN A 284 -4.17 -35.61 25.89
CA GLN A 284 -5.42 -35.97 25.26
C GLN A 284 -5.52 -35.73 23.74
N THR A 285 -4.70 -36.41 22.95
CA THR A 285 -4.72 -36.28 21.49
C THR A 285 -5.97 -36.77 20.78
N THR A 286 -6.45 -37.94 21.14
CA THR A 286 -7.60 -38.51 20.47
C THR A 286 -8.84 -37.69 20.67
N GLU A 287 -9.04 -37.24 21.87
CA GLU A 287 -10.22 -36.48 22.18
C GLU A 287 -10.21 -35.21 21.38
N ALA A 288 -9.05 -34.63 21.21
CA ALA A 288 -8.95 -33.45 20.40
C ALA A 288 -9.40 -33.73 18.99
N LYS A 289 -8.82 -34.72 18.34
CA LYS A 289 -9.18 -34.99 16.95
C LYS A 289 -10.65 -35.29 16.85
N GLU A 290 -11.24 -35.80 17.91
CA GLU A 290 -12.65 -36.09 17.87
C GLU A 290 -13.48 -34.85 18.02
N LEU A 291 -12.98 -33.89 18.76
CA LEU A 291 -13.73 -32.69 18.96
C LEU A 291 -13.72 -31.90 17.68
N VAL A 292 -12.63 -31.95 16.95
CA VAL A 292 -12.57 -31.25 15.70
C VAL A 292 -13.56 -31.80 14.70
N LYS A 293 -13.65 -33.11 14.61
CA LYS A 293 -14.51 -33.68 13.62
C LYS A 293 -15.95 -33.55 13.98
N LYS A 294 -16.23 -33.04 15.16
CA LYS A 294 -17.60 -32.78 15.54
C LYS A 294 -18.08 -31.51 14.91
N TYR A 295 -17.16 -30.58 14.68
CA TYR A 295 -17.55 -29.29 14.16
C TYR A 295 -17.38 -29.23 12.66
N ILE A 296 -17.03 -30.33 12.04
CA ILE A 296 -16.90 -30.36 10.60
C ILE A 296 -18.12 -30.99 10.00
N VAL A 297 -18.84 -30.24 9.20
CA VAL A 297 -20.04 -30.73 8.56
C VAL A 297 -19.71 -31.51 7.30
N ASP B 21 13.85 -4.89 -19.00
CA ASP B 21 12.47 -5.19 -19.33
C ASP B 21 11.88 -4.02 -20.04
N LYS B 22 11.38 -4.26 -21.23
CA LYS B 22 10.82 -3.20 -22.03
C LYS B 22 9.37 -3.06 -21.70
N ARG B 23 8.87 -3.93 -20.84
CA ARG B 23 7.51 -3.84 -20.40
C ARG B 23 7.43 -2.65 -19.51
N ASP B 24 8.57 -2.14 -19.11
CA ASP B 24 8.62 -0.99 -18.25
C ASP B 24 8.15 0.21 -19.03
N ILE B 25 8.53 0.31 -20.28
CA ILE B 25 8.13 1.44 -21.14
C ILE B 25 6.68 1.38 -21.46
N THR B 26 6.16 0.18 -21.62
CA THR B 26 4.75 0.01 -21.90
C THR B 26 3.95 0.52 -20.75
N ALA B 27 4.39 0.28 -19.54
CA ALA B 27 3.69 0.73 -18.35
C ALA B 27 3.69 2.19 -18.16
N ILE B 28 4.80 2.85 -18.40
CA ILE B 28 4.85 4.28 -18.26
C ILE B 28 3.93 4.90 -19.27
N LYS B 29 3.98 4.41 -20.49
CA LYS B 29 3.19 5.00 -21.56
C LYS B 29 1.74 4.59 -21.49
N ASN B 30 1.39 3.85 -20.45
CA ASN B 30 0.01 3.44 -20.25
C ASN B 30 -0.63 4.37 -19.26
N MET B 31 0.11 5.38 -18.87
CA MET B 31 -0.40 6.38 -17.96
C MET B 31 -0.76 7.56 -18.80
N ALA B 32 -0.60 7.45 -20.10
CA ALA B 32 -0.98 8.51 -21.01
C ALA B 32 -2.36 8.30 -21.59
N GLY B 33 -3.05 9.39 -21.88
CA GLY B 33 -4.39 9.32 -22.44
C GLY B 33 -5.36 10.30 -21.85
N CYS B 34 -6.65 10.08 -22.11
CA CYS B 34 -7.68 10.94 -21.57
C CYS B 34 -8.30 10.24 -20.41
N TYR B 35 -8.34 10.89 -19.26
CA TYR B 35 -8.84 10.28 -18.07
C TYR B 35 -9.81 11.12 -17.30
N GLU B 36 -10.68 10.50 -16.54
CA GLU B 36 -11.57 11.22 -15.67
C GLU B 36 -11.04 10.81 -14.33
N VAL B 37 -10.49 11.76 -13.59
CA VAL B 37 -9.82 11.44 -12.35
C VAL B 37 -10.62 11.70 -11.09
N SER B 38 -10.60 10.74 -10.18
CA SER B 38 -11.28 10.85 -8.93
C SER B 38 -10.20 11.00 -7.92
N PHE B 39 -10.20 12.11 -7.21
CA PHE B 39 -9.19 12.37 -6.22
C PHE B 39 -9.76 12.08 -4.87
N ASN B 40 -9.10 11.25 -4.08
CA ASN B 40 -9.64 10.84 -2.81
C ASN B 40 -8.56 10.72 -1.76
N PHE B 41 -8.77 11.30 -0.59
CA PHE B 41 -7.81 11.26 0.50
C PHE B 41 -8.48 11.12 1.85
N SER B 42 -7.96 10.27 2.73
CA SER B 42 -8.50 10.09 4.08
C SER B 42 -7.44 10.00 5.10
N GLU B 43 -7.62 10.71 6.19
CA GLU B 43 -6.64 10.69 7.23
C GLU B 43 -6.75 9.47 8.07
N THR B 44 -5.61 8.98 8.52
CA THR B 44 -5.59 7.76 9.26
C THR B 44 -5.01 7.85 10.63
N PHE B 45 -3.69 7.81 10.74
CA PHE B 45 -3.07 7.76 12.06
C PHE B 45 -2.18 8.91 12.49
N SER B 46 -1.98 9.05 13.79
CA SER B 46 -1.12 10.09 14.32
C SER B 46 -0.44 9.64 15.57
N PRO B 47 0.83 10.06 15.78
CA PRO B 47 1.44 9.70 17.07
C PRO B 47 0.90 10.46 18.26
N ASN B 48 0.00 11.40 18.03
CA ASN B 48 -0.63 12.15 19.09
C ASN B 48 -2.03 11.65 19.27
N LYS B 49 -2.39 11.30 20.50
CA LYS B 49 -3.69 10.70 20.74
C LYS B 49 -4.79 11.72 20.72
N GLU B 50 -4.45 12.97 20.85
CA GLU B 50 -5.46 13.98 20.87
C GLU B 50 -5.67 14.52 19.50
N TYR B 51 -5.09 13.87 18.51
CA TYR B 51 -5.24 14.32 17.16
C TYR B 51 -6.64 14.18 16.68
N LYS B 52 -7.16 15.24 16.10
CA LYS B 52 -8.48 15.21 15.54
C LYS B 52 -8.38 15.15 14.04
N LYS B 53 -8.82 14.03 13.47
CA LYS B 53 -8.74 13.83 12.05
C LYS B 53 -9.54 14.80 11.27
N LYS B 54 -8.99 15.25 10.18
CA LYS B 54 -9.69 16.18 9.34
C LYS B 54 -10.56 15.46 8.36
N ASP B 55 -11.60 16.11 7.89
CA ASP B 55 -12.54 15.47 7.00
C ASP B 55 -11.93 15.03 5.70
N ASN B 56 -12.51 14.01 5.09
CA ASN B 56 -11.93 13.45 3.87
C ASN B 56 -12.11 14.29 2.62
N TYR B 57 -11.22 14.13 1.67
CA TYR B 57 -11.23 14.92 0.45
C TYR B 57 -11.64 14.20 -0.79
N HIS B 58 -12.42 14.85 -1.63
CA HIS B 58 -12.80 14.29 -2.90
C HIS B 58 -12.85 15.38 -3.93
N SER B 59 -12.27 15.13 -5.10
CA SER B 59 -12.32 16.06 -6.19
C SER B 59 -12.47 15.23 -7.43
N LYS B 60 -12.58 15.88 -8.56
CA LYS B 60 -12.80 15.20 -9.81
C LYS B 60 -12.20 16.08 -10.86
N ALA B 61 -11.79 15.51 -11.98
CA ALA B 61 -11.22 16.28 -13.06
C ALA B 61 -11.15 15.55 -14.38
N LEU B 62 -10.89 16.29 -15.45
CA LEU B 62 -10.72 15.71 -16.75
C LEU B 62 -9.30 16.02 -17.06
N GLU B 63 -8.50 15.00 -17.22
CA GLU B 63 -7.09 15.20 -17.43
C GLU B 63 -6.58 14.52 -18.66
N TRP B 64 -5.75 15.20 -19.42
CA TRP B 64 -5.13 14.58 -20.56
C TRP B 64 -3.66 14.48 -20.28
N VAL B 65 -3.12 13.28 -20.39
CA VAL B 65 -1.70 13.07 -20.17
C VAL B 65 -1.05 12.90 -21.50
N ALA B 66 0.01 13.65 -21.74
CA ALA B 66 0.67 13.61 -23.02
C ALA B 66 2.09 13.16 -22.92
N VAL B 67 2.60 12.54 -23.97
CA VAL B 67 3.98 12.16 -23.97
C VAL B 67 4.79 13.24 -24.64
N VAL B 68 5.28 14.17 -23.83
CA VAL B 68 6.11 15.25 -24.34
C VAL B 68 7.49 14.89 -24.85
N GLU B 69 8.16 13.97 -24.19
CA GLU B 69 9.45 13.54 -24.65
C GLU B 69 9.63 12.06 -24.55
N GLU B 70 10.14 11.44 -25.60
CA GLU B 70 10.48 10.04 -25.53
C GLU B 70 11.86 10.02 -26.07
N GLN B 71 12.79 9.51 -25.30
CA GLN B 71 14.17 9.51 -25.68
C GLN B 71 14.55 8.11 -25.33
N PRO B 72 15.79 7.75 -25.55
CA PRO B 72 16.05 6.35 -25.26
C PRO B 72 15.73 5.86 -23.82
N ASN B 73 16.13 6.57 -22.78
CA ASN B 73 15.74 6.16 -21.42
C ASN B 73 15.04 7.25 -20.66
N LYS B 74 14.39 8.17 -21.36
CA LYS B 74 13.62 9.23 -20.74
C LYS B 74 12.26 9.27 -21.32
N ILE B 75 11.25 9.31 -20.47
CA ILE B 75 9.90 9.46 -20.95
C ILE B 75 9.34 10.58 -20.13
N ALA B 76 8.71 11.53 -20.78
CA ALA B 76 8.11 12.63 -20.08
C ALA B 76 6.66 12.73 -20.30
N LEU B 77 5.91 12.89 -19.23
CA LEU B 77 4.48 12.93 -19.32
C LEU B 77 3.89 14.17 -18.71
N GLN B 78 3.14 14.93 -19.49
CA GLN B 78 2.53 16.14 -19.02
C GLN B 78 1.06 16.01 -18.79
N HIS B 79 0.62 16.45 -17.64
CA HIS B 79 -0.78 16.40 -17.32
C HIS B 79 -1.38 17.75 -17.57
N LEU B 80 -2.48 17.76 -18.30
CA LEU B 80 -3.17 19.00 -18.58
C LEU B 80 -4.63 18.82 -18.16
N LEU B 81 -5.21 19.82 -17.52
CA LEU B 81 -6.56 19.73 -17.04
C LEU B 81 -7.54 20.53 -17.87
N VAL B 82 -8.64 19.91 -18.24
CA VAL B 82 -9.66 20.60 -19.00
C VAL B 82 -10.70 21.11 -18.02
N VAL B 83 -10.73 22.43 -17.84
CA VAL B 83 -11.68 23.03 -16.93
C VAL B 83 -13.00 23.39 -17.58
N ASN B 84 -12.96 23.86 -18.82
CA ASN B 84 -14.20 24.16 -19.54
C ASN B 84 -14.27 23.32 -20.77
N PRO B 85 -15.15 22.29 -20.77
CA PRO B 85 -15.12 21.47 -21.98
C PRO B 85 -15.83 22.12 -23.13
N LYS B 86 -16.51 23.22 -22.89
CA LYS B 86 -17.26 23.89 -23.93
C LYS B 86 -16.48 25.07 -24.42
N GLY B 87 -15.17 24.96 -24.38
CA GLY B 87 -14.33 26.08 -24.78
C GLY B 87 -13.20 25.73 -25.69
N GLU B 88 -12.34 26.69 -25.96
CA GLU B 88 -11.20 26.47 -26.82
C GLU B 88 -10.02 27.18 -26.23
N GLY B 89 -8.84 26.61 -26.40
CA GLY B 89 -7.64 27.26 -25.96
C GLY B 89 -7.13 27.23 -24.55
N LYS B 90 -6.26 28.17 -24.22
CA LYS B 90 -5.63 28.20 -22.92
C LYS B 90 -6.48 28.62 -21.78
N ASN B 91 -7.62 29.22 -22.06
CA ASN B 91 -8.41 29.73 -20.97
C ASN B 91 -9.28 28.61 -20.50
N ALA B 92 -9.25 27.51 -21.23
CA ALA B 92 -10.07 26.37 -20.89
C ALA B 92 -9.21 25.24 -20.37
N ILE B 93 -7.91 25.46 -20.27
CA ILE B 93 -7.02 24.44 -19.84
C ILE B 93 -6.16 24.98 -18.73
N VAL B 94 -5.92 24.18 -17.70
CA VAL B 94 -5.01 24.57 -16.65
C VAL B 94 -3.95 23.49 -16.63
N LYS B 95 -2.69 23.88 -16.75
CA LYS B 95 -1.58 22.92 -16.73
C LYS B 95 -1.52 22.18 -15.39
N HIS B 96 -0.97 20.97 -15.40
CA HIS B 96 -0.92 20.15 -14.18
C HIS B 96 0.48 19.55 -14.06
N TRP B 97 0.75 18.87 -12.96
CA TRP B 97 2.11 18.36 -12.72
C TRP B 97 2.66 17.42 -13.80
N ARG B 98 3.94 17.57 -14.12
CA ARG B 98 4.57 16.71 -15.14
C ARG B 98 5.21 15.51 -14.44
N GLN B 99 5.39 14.40 -15.16
CA GLN B 99 5.96 13.23 -14.57
C GLN B 99 7.05 12.73 -15.49
N ASP B 100 8.31 12.84 -15.09
CA ASP B 100 9.42 12.41 -15.93
C ASP B 100 10.07 11.17 -15.45
N TRP B 101 10.28 10.23 -16.35
CA TRP B 101 10.80 8.94 -16.00
C TRP B 101 12.16 8.68 -16.58
N LEU B 102 13.14 8.47 -15.73
CA LEU B 102 14.50 8.32 -16.17
C LEU B 102 15.10 7.05 -15.66
N TYR B 103 15.69 6.25 -16.53
CA TYR B 103 16.20 4.95 -16.15
C TYR B 103 17.60 4.94 -15.66
N GLU B 104 17.81 4.31 -14.52
CA GLU B 104 19.10 4.24 -13.92
C GLU B 104 19.73 5.60 -13.77
N ASN B 105 19.00 6.51 -13.16
CA ASN B 105 19.48 7.85 -12.96
C ASN B 105 20.03 8.01 -11.59
N THR B 106 21.15 8.70 -11.48
CA THR B 106 21.78 8.91 -10.21
C THR B 106 21.65 10.32 -9.71
N ASP B 107 21.01 11.19 -10.47
CA ASP B 107 20.94 12.59 -10.12
C ASP B 107 19.54 13.05 -9.75
N LEU B 108 19.30 13.33 -8.49
CA LEU B 108 17.95 13.68 -8.03
C LEU B 108 17.85 14.99 -7.30
N TYR B 109 16.73 15.66 -7.41
CA TYR B 109 16.52 16.89 -6.69
C TYR B 109 15.38 16.62 -5.74
N VAL B 110 15.64 16.69 -4.45
CA VAL B 110 14.64 16.38 -3.46
C VAL B 110 14.24 17.53 -2.56
N PHE B 111 13.06 17.48 -1.99
CA PHE B 111 12.55 18.56 -1.17
C PHE B 111 13.06 18.55 0.24
N ASN B 112 13.48 19.70 0.70
CA ASN B 112 13.89 19.81 2.07
C ASN B 112 12.75 20.51 2.74
N LYS B 113 12.62 21.79 2.52
CA LYS B 113 11.61 22.55 3.21
C LYS B 113 11.42 23.79 2.45
N GLU B 114 10.26 24.42 2.60
CA GLU B 114 10.04 25.71 1.97
C GLU B 114 10.26 25.67 0.50
N ASN B 115 11.13 26.52 0.03
CA ASN B 115 11.43 26.55 -1.37
C ASN B 115 12.83 26.10 -1.58
N HIS B 116 13.19 24.98 -0.99
CA HIS B 116 14.51 24.46 -1.16
C HIS B 116 14.50 23.04 -1.60
N TRP B 117 15.11 22.77 -2.75
CA TRP B 117 15.24 21.43 -3.22
C TRP B 117 16.72 21.18 -3.30
N LYS B 118 17.16 20.05 -2.80
CA LYS B 118 18.58 19.75 -2.76
C LYS B 118 19.02 18.65 -3.70
N TYR B 119 20.18 18.80 -4.32
CA TYR B 119 20.72 17.77 -5.17
C TYR B 119 21.15 16.56 -4.40
N LYS B 120 20.74 15.39 -4.84
CA LYS B 120 21.14 14.18 -4.20
C LYS B 120 21.68 13.29 -5.27
N SER B 121 22.87 12.77 -5.07
CA SER B 121 23.45 11.82 -6.00
C SER B 121 23.34 10.44 -5.44
N LEU B 122 22.63 9.57 -6.14
CA LEU B 122 22.47 8.22 -5.69
C LEU B 122 23.64 7.32 -6.04
N ASN B 123 23.73 6.20 -5.34
CA ASN B 123 24.77 5.23 -5.58
C ASN B 123 24.41 4.57 -6.86
N PRO B 124 25.36 4.53 -7.82
CA PRO B 124 24.92 3.96 -9.07
C PRO B 124 24.57 2.48 -9.02
N LYS B 125 24.78 1.81 -7.90
CA LYS B 125 24.54 0.39 -7.89
C LYS B 125 23.24 0.04 -7.27
N GLN B 126 22.60 1.00 -6.65
CA GLN B 126 21.29 0.74 -6.10
C GLN B 126 20.22 1.09 -7.11
N VAL B 127 20.56 1.90 -8.10
CA VAL B 127 19.59 2.35 -9.07
C VAL B 127 19.53 1.48 -10.29
N LYS B 128 20.22 0.35 -10.25
CA LYS B 128 20.18 -0.58 -11.35
C LYS B 128 18.83 -1.21 -11.48
N GLY B 129 18.24 -1.13 -12.67
CA GLY B 129 16.93 -1.68 -12.92
C GLY B 129 15.85 -0.73 -12.53
N GLN B 130 16.24 0.38 -11.95
CA GLN B 130 15.27 1.32 -11.46
C GLN B 130 15.01 2.47 -12.37
N TRP B 131 13.86 3.09 -12.20
CA TRP B 131 13.51 4.25 -12.97
C TRP B 131 13.27 5.34 -11.97
N THR B 132 13.76 6.52 -12.24
CA THR B 132 13.52 7.65 -11.38
C THR B 132 12.37 8.41 -11.92
N GLN B 133 11.41 8.75 -11.08
CA GLN B 133 10.33 9.60 -11.51
C GLN B 133 10.47 10.95 -10.87
N ILE B 134 10.62 11.97 -11.68
CA ILE B 134 10.67 13.30 -11.16
C ILE B 134 9.38 13.95 -11.50
N VAL B 135 8.68 14.39 -10.47
CA VAL B 135 7.43 15.06 -10.66
C VAL B 135 7.68 16.54 -10.58
N TYR B 136 7.16 17.27 -11.53
CA TYR B 136 7.44 18.67 -11.61
C TYR B 136 6.21 19.48 -11.37
N GLN B 137 6.40 20.76 -11.13
CA GLN B 137 5.29 21.65 -10.86
C GLN B 137 4.66 22.20 -12.12
N VAL B 138 3.62 22.98 -11.95
CA VAL B 138 2.95 23.60 -13.07
C VAL B 138 3.87 24.55 -13.84
N ASP B 139 4.74 25.25 -13.14
CA ASP B 139 5.69 26.13 -13.77
C ASP B 139 6.88 25.33 -14.22
N ASP B 140 6.83 24.02 -14.02
CA ASP B 140 7.89 23.11 -14.46
C ASP B 140 9.08 23.04 -13.56
N ALA B 141 8.96 23.60 -12.38
CA ALA B 141 10.00 23.52 -11.41
C ALA B 141 9.90 22.19 -10.75
N PRO B 142 11.00 21.72 -10.19
CA PRO B 142 10.98 20.46 -9.48
C PRO B 142 10.03 20.42 -8.31
N ARG B 143 9.30 19.32 -8.13
CA ARG B 143 8.45 19.15 -6.97
C ARG B 143 8.97 18.02 -6.09
N TYR B 144 9.19 16.85 -6.66
CA TYR B 144 9.73 15.73 -5.92
C TYR B 144 10.36 14.68 -6.79
N SER B 145 11.28 13.90 -6.22
CA SER B 145 11.99 12.89 -6.99
C SER B 145 12.14 11.59 -6.27
N GLY B 146 11.91 10.48 -6.95
CA GLY B 146 12.10 9.17 -6.36
C GLY B 146 12.47 8.13 -7.36
N SER B 147 13.11 7.04 -6.94
CA SER B 147 13.50 5.93 -7.81
C SER B 147 13.00 4.57 -7.39
N GLY B 148 12.68 3.73 -8.35
CA GLY B 148 12.18 2.40 -8.06
C GLY B 148 12.08 1.50 -9.23
N THR B 149 11.90 0.23 -8.98
CA THR B 149 11.79 -0.75 -10.04
C THR B 149 10.35 -1.08 -10.35
N TRP B 150 10.01 -1.18 -11.64
CA TRP B 150 8.68 -1.55 -12.06
C TRP B 150 8.56 -3.02 -11.92
N ILE B 151 7.47 -3.46 -11.31
CA ILE B 151 7.29 -4.85 -11.07
C ILE B 151 6.20 -5.37 -11.94
N HIS B 152 6.48 -6.45 -12.63
CA HIS B 152 5.54 -7.03 -13.56
C HIS B 152 5.35 -8.44 -13.13
N LEU B 153 4.79 -8.62 -11.95
CA LEU B 153 4.61 -9.94 -11.42
C LEU B 153 3.23 -10.07 -10.85
N ASP B 154 2.72 -11.28 -10.74
CA ASP B 154 1.43 -11.55 -10.16
C ASP B 154 0.29 -10.95 -10.89
N GLU B 155 0.39 -10.85 -12.20
CA GLU B 155 -0.64 -10.22 -13.03
C GLU B 155 -0.81 -8.76 -12.68
N LYS B 156 0.23 -8.17 -12.13
CA LYS B 156 0.18 -6.78 -11.72
C LYS B 156 1.33 -5.96 -12.23
N THR B 157 1.07 -4.74 -12.64
CA THR B 157 2.11 -3.85 -13.11
C THR B 157 2.18 -2.62 -12.19
N PHE B 158 3.18 -2.58 -11.32
CA PHE B 158 3.31 -1.49 -10.36
C PHE B 158 4.68 -0.93 -10.06
N TRP B 159 4.72 0.34 -9.66
CA TRP B 159 5.97 0.99 -9.30
C TRP B 159 5.78 1.70 -7.98
N GLU B 160 6.76 1.62 -7.10
CA GLU B 160 6.71 2.29 -5.81
C GLU B 160 7.95 3.03 -5.43
N SER B 161 7.78 4.19 -4.82
CA SER B 161 8.89 4.96 -4.32
C SER B 161 8.42 5.90 -3.26
N THR B 162 9.34 6.40 -2.46
CA THR B 162 9.02 7.32 -1.38
C THR B 162 9.74 8.64 -1.60
N ALA B 163 9.03 9.75 -1.49
CA ALA B 163 9.62 11.08 -1.71
C ALA B 163 9.05 12.22 -0.90
N ASP B 164 9.91 13.08 -0.40
CA ASP B 164 9.47 14.24 0.36
C ASP B 164 8.96 15.28 -0.57
N ALA B 165 7.86 15.90 -0.23
CA ALA B 165 7.23 16.82 -1.14
C ALA B 165 6.65 18.06 -0.56
N PRO B 166 6.46 19.08 -1.40
CA PRO B 166 5.81 20.29 -0.95
C PRO B 166 4.37 20.04 -0.64
N LEU B 167 3.81 20.80 0.28
CA LEU B 167 2.45 20.62 0.64
C LEU B 167 1.52 20.93 -0.51
N PRO B 168 0.49 20.09 -0.74
CA PRO B 168 -0.41 20.49 -1.79
C PRO B 168 -1.36 21.58 -1.37
N ARG B 169 -2.15 22.11 -2.30
CA ARG B 169 -3.06 23.21 -2.00
C ARG B 169 -4.17 22.84 -1.08
N ARG B 170 -4.62 21.62 -1.18
CA ARG B 170 -5.71 21.16 -0.35
C ARG B 170 -5.29 21.21 1.08
N GLU B 171 -4.00 21.33 1.31
CA GLU B 171 -3.48 21.30 2.66
C GLU B 171 -2.98 22.64 3.14
N TYR B 172 -2.29 23.38 2.30
CA TYR B 172 -1.83 24.68 2.71
C TYR B 172 -2.92 25.70 2.83
N THR B 173 -4.06 25.43 2.24
CA THR B 173 -5.16 26.36 2.27
C THR B 173 -5.96 26.03 3.49
N THR B 174 -5.62 24.92 4.14
CA THR B 174 -6.42 24.48 5.26
C THR B 174 -5.68 24.43 6.60
N ARG B 175 -4.35 24.33 6.57
CA ARG B 175 -3.62 24.19 7.82
C ARG B 175 -2.16 24.56 7.77
N THR B 176 -1.55 24.82 8.92
CA THR B 176 -0.13 25.16 9.01
C THR B 176 0.57 24.21 9.97
N ASP B 177 0.04 23.01 10.16
CA ASP B 177 0.58 22.04 11.09
C ASP B 177 1.90 21.46 10.69
N TYR B 178 2.23 21.56 9.41
CA TYR B 178 3.42 20.90 8.92
C TYR B 178 3.99 21.49 7.66
N ASN B 179 5.21 21.13 7.32
CA ASN B 179 5.89 21.71 6.17
C ASN B 179 6.33 20.75 5.07
N VAL B 180 6.38 19.46 5.37
CA VAL B 180 6.79 18.47 4.40
C VAL B 180 5.81 17.35 4.35
N LEU B 181 5.45 16.91 3.16
CA LEU B 181 4.61 15.74 3.04
C LEU B 181 5.44 14.61 2.47
N ASN B 182 5.67 13.57 3.27
CA ASN B 182 6.39 12.41 2.76
C ASN B 182 5.39 11.54 2.08
N ARG B 183 5.65 11.23 0.84
CA ARG B 183 4.73 10.44 0.08
C ARG B 183 5.31 9.13 -0.31
N THR B 184 4.61 8.05 -0.05
CA THR B 184 5.02 6.76 -0.53
C THR B 184 4.07 6.58 -1.66
N ASN B 185 4.56 6.69 -2.89
CA ASN B 185 3.72 6.64 -4.05
C ASN B 185 3.71 5.34 -4.78
N ARG B 186 2.54 4.87 -5.17
CA ARG B 186 2.43 3.66 -5.95
C ARG B 186 1.69 3.90 -7.22
N HIS B 187 2.30 3.54 -8.34
CA HIS B 187 1.64 3.64 -9.61
C HIS B 187 1.31 2.27 -10.15
N GLU B 188 0.02 1.95 -10.24
CA GLU B 188 -0.43 0.66 -10.76
C GLU B 188 -1.27 0.80 -11.98
N ILE B 189 -0.93 0.05 -13.01
CA ILE B 189 -1.70 0.06 -14.23
C ILE B 189 -2.83 -0.89 -14.03
N THR B 190 -4.03 -0.50 -14.40
CA THR B 190 -5.21 -1.28 -14.17
C THR B 190 -6.02 -1.42 -15.43
N GLU B 191 -7.05 -2.24 -15.40
CA GLU B 191 -7.91 -2.48 -16.55
C GLU B 191 -8.62 -1.26 -17.03
N TRP B 192 -9.00 -0.42 -16.10
CA TRP B 192 -9.71 0.81 -16.42
C TRP B 192 -8.82 2.01 -16.55
N GLY B 193 -7.52 1.81 -16.45
CA GLY B 193 -6.65 2.96 -16.44
C GLY B 193 -5.55 2.72 -15.46
N TRP B 194 -5.31 3.67 -14.59
CA TRP B 194 -4.30 3.52 -13.59
C TRP B 194 -4.63 4.09 -12.24
N LEU B 195 -3.95 3.61 -11.21
CA LEU B 195 -4.16 4.11 -9.87
C LEU B 195 -2.91 4.67 -9.25
N HIS B 196 -3.01 5.84 -8.64
CA HIS B 196 -1.90 6.42 -7.93
C HIS B 196 -2.25 6.32 -6.46
N PHE B 197 -1.73 5.31 -5.80
CA PHE B 197 -1.97 5.12 -4.39
C PHE B 197 -0.94 5.85 -3.59
N GLN B 198 -1.36 6.49 -2.52
CA GLN B 198 -0.43 7.21 -1.67
C GLN B 198 -0.58 6.95 -0.19
N ASP B 199 0.51 6.62 0.49
CA ASP B 199 0.50 6.48 1.95
C ASP B 199 1.40 7.59 2.38
N ASN B 200 0.82 8.67 2.88
CA ASN B 200 1.59 9.84 3.20
C ASN B 200 1.74 10.19 4.66
N LYS B 201 2.87 10.72 5.03
CA LYS B 201 3.12 11.12 6.40
C LYS B 201 3.28 12.62 6.40
N LYS B 202 2.50 13.29 7.24
CA LYS B 202 2.56 14.73 7.35
C LYS B 202 3.61 15.08 8.36
N ILE B 203 4.71 15.63 7.90
CA ILE B 203 5.85 15.89 8.75
C ILE B 203 6.21 17.32 9.08
N LEU B 204 6.62 17.57 10.31
CA LEU B 204 7.10 18.89 10.67
C LEU B 204 8.61 18.82 10.70
N ARG B 205 9.26 19.54 9.79
CA ARG B 205 10.71 19.53 9.72
C ARG B 205 11.22 20.83 10.23
N GLN B 206 12.07 20.76 11.24
CA GLN B 206 12.62 21.95 11.79
C GLN B 206 14.10 21.75 11.77
N ASP B 207 14.83 22.83 11.80
CA ASP B 207 16.29 22.74 11.71
C ASP B 207 16.97 22.08 12.88
N ASN B 208 17.91 21.19 12.58
CA ASN B 208 18.67 20.48 13.60
C ASN B 208 17.79 19.71 14.55
N GLN B 209 16.63 19.31 14.08
CA GLN B 209 15.76 18.48 14.89
C GLN B 209 15.36 17.30 14.05
N GLU B 210 14.82 16.28 14.67
CA GLU B 210 14.35 15.13 13.91
C GLU B 210 12.96 15.40 13.47
N ASP B 211 12.55 14.77 12.40
CA ASP B 211 11.25 15.07 11.87
C ASP B 211 10.17 14.49 12.71
N THR B 212 9.04 15.16 12.77
CA THR B 212 7.94 14.72 13.60
C THR B 212 6.76 14.44 12.74
N ILE B 213 6.16 13.28 12.88
CA ILE B 213 4.98 12.97 12.13
C ILE B 213 3.77 13.52 12.83
N VAL B 214 3.09 14.47 12.22
CA VAL B 214 1.92 15.06 12.80
C VAL B 214 0.74 14.18 12.55
N ALA B 215 0.67 13.64 11.34
CA ALA B 215 -0.42 12.79 10.97
C ALA B 215 -0.13 12.02 9.72
N GLU B 216 -1.07 11.18 9.35
CA GLU B 216 -0.88 10.36 8.17
C GLU B 216 -2.16 10.29 7.38
N GLU B 217 -2.05 10.14 6.08
CA GLU B 217 -3.22 10.04 5.24
C GLU B 217 -3.07 8.97 4.22
N ILE B 218 -4.19 8.54 3.66
CA ILE B 218 -4.15 7.55 2.62
C ILE B 218 -4.84 8.19 1.45
N GLY B 219 -4.27 8.03 0.28
CA GLY B 219 -4.89 8.57 -0.91
C GLY B 219 -5.00 7.60 -2.02
N LYS B 220 -6.13 7.62 -2.70
CA LYS B 220 -6.36 6.74 -3.82
C LYS B 220 -6.84 7.56 -4.97
N GLU B 221 -5.98 7.73 -5.96
CA GLU B 221 -6.32 8.54 -7.11
C GLU B 221 -6.61 7.66 -8.28
N TYR B 222 -7.82 7.74 -8.79
CA TYR B 222 -8.23 6.85 -9.86
C TYR B 222 -8.33 7.51 -11.18
N TYR B 223 -7.61 6.97 -12.15
CA TYR B 223 -7.62 7.52 -13.48
C TYR B 223 -8.33 6.54 -14.37
N LYS B 224 -9.51 6.90 -14.85
CA LYS B 224 -10.30 6.04 -15.69
C LYS B 224 -10.19 6.49 -17.09
N LYS B 225 -9.63 5.65 -17.94
CA LYS B 225 -9.40 6.04 -19.30
C LYS B 225 -10.66 6.19 -20.07
N ILE B 226 -10.76 7.30 -20.79
CA ILE B 226 -11.89 7.56 -21.60
C ILE B 226 -11.35 7.83 -22.98
N ASP B 227 -12.21 8.14 -23.94
CA ASP B 227 -11.77 8.35 -25.30
C ASP B 227 -11.02 9.62 -25.48
N ASP B 228 -10.03 9.59 -26.34
CA ASP B 228 -9.15 10.72 -26.51
C ASP B 228 -9.84 11.94 -26.99
N LYS B 229 -10.93 11.78 -27.71
CA LYS B 229 -11.66 12.89 -28.31
C LYS B 229 -12.26 13.80 -27.30
N LYS B 230 -12.51 13.30 -26.12
CA LYS B 230 -13.14 14.10 -25.11
C LYS B 230 -12.10 14.98 -24.46
N CYS B 231 -10.87 14.90 -24.94
CA CYS B 231 -9.79 15.72 -24.39
C CYS B 231 -9.15 16.50 -25.51
N LEU B 232 -9.88 16.77 -26.58
CA LEU B 232 -9.33 17.45 -27.76
C LEU B 232 -8.94 18.88 -27.54
N ILE B 233 -9.59 19.54 -26.60
CA ILE B 233 -9.28 20.92 -26.33
C ILE B 233 -7.86 21.04 -25.88
N ALA B 234 -7.42 20.11 -25.08
CA ALA B 234 -6.08 20.14 -24.58
C ALA B 234 -5.06 19.72 -25.58
N GLN B 235 -5.44 18.83 -26.49
CA GLN B 235 -4.52 18.36 -27.49
C GLN B 235 -4.22 19.49 -28.42
N ASN B 236 -5.19 20.34 -28.64
CA ASN B 236 -5.02 21.43 -29.56
C ASN B 236 -4.21 22.52 -28.95
N TYR B 237 -4.32 22.70 -27.65
CA TYR B 237 -3.53 23.69 -26.97
C TYR B 237 -2.09 23.30 -27.03
N TRP B 238 -1.79 22.05 -26.74
CA TRP B 238 -0.40 21.60 -26.69
C TRP B 238 0.26 21.60 -28.02
N LYS B 239 -0.49 21.40 -29.09
CA LYS B 239 0.10 21.46 -30.39
C LYS B 239 0.68 22.81 -30.58
N GLU B 240 -0.02 23.83 -30.14
CA GLU B 240 0.45 25.17 -30.32
C GLU B 240 1.48 25.62 -29.32
N TYR B 241 1.23 25.39 -28.05
CA TYR B 241 2.11 25.91 -27.02
C TYR B 241 3.19 25.00 -26.49
N ALA B 242 3.39 23.87 -27.12
CA ALA B 242 4.46 22.97 -26.74
C ALA B 242 5.86 23.56 -26.89
N PRO B 243 6.15 24.21 -28.03
CA PRO B 243 7.51 24.75 -28.07
C PRO B 243 7.90 25.67 -26.92
N LEU B 244 6.97 26.41 -26.35
CA LEU B 244 7.27 27.33 -25.29
C LEU B 244 7.64 26.59 -24.08
N TRP B 245 6.85 25.58 -23.76
CA TRP B 245 7.07 24.84 -22.56
C TRP B 245 8.33 24.03 -22.60
N ALA B 246 8.82 23.74 -23.79
CA ALA B 246 10.05 23.03 -23.93
C ALA B 246 11.19 23.89 -23.51
N ALA B 247 11.08 25.18 -23.71
CA ALA B 247 12.13 26.09 -23.32
C ALA B 247 12.13 26.34 -21.85
N VAL B 248 10.95 26.33 -21.26
CA VAL B 248 10.85 26.48 -19.83
C VAL B 248 11.57 25.31 -19.24
N ARG B 249 11.35 24.14 -19.80
CA ARG B 249 11.98 22.95 -19.32
C ARG B 249 13.47 22.97 -19.46
N GLU B 250 13.95 23.50 -20.56
CA GLU B 250 15.36 23.56 -20.83
C GLU B 250 16.11 24.47 -19.88
N GLU B 251 15.44 25.49 -19.41
CA GLU B 251 16.08 26.40 -18.52
C GLU B 251 16.19 25.82 -17.15
N TRP B 252 15.18 25.10 -16.73
CA TRP B 252 15.20 24.53 -15.42
C TRP B 252 16.29 23.51 -15.46
N ALA B 253 16.40 22.83 -16.58
CA ALA B 253 17.43 21.84 -16.75
C ALA B 253 18.84 22.38 -16.67
N ASN B 254 19.03 23.60 -17.11
CA ASN B 254 20.33 24.21 -17.06
C ASN B 254 20.75 24.37 -15.64
N LYS B 255 19.82 24.72 -14.78
CA LYS B 255 20.13 24.90 -13.39
C LYS B 255 20.39 23.57 -12.78
N MET B 256 19.49 22.64 -13.01
CA MET B 256 19.64 21.36 -12.36
C MET B 256 20.70 20.46 -12.90
N ASN B 257 21.37 20.87 -13.95
CA ASN B 257 22.46 20.06 -14.48
C ASN B 257 23.75 20.56 -13.91
N LYS B 258 23.65 21.62 -13.14
CA LYS B 258 24.81 22.18 -12.51
C LYS B 258 24.97 21.47 -11.20
N LYS B 259 24.04 20.59 -10.88
CA LYS B 259 24.13 19.77 -9.68
C LYS B 259 24.32 20.50 -8.37
N GLN B 260 23.57 21.57 -8.19
CA GLN B 260 23.66 22.34 -6.97
C GLN B 260 22.28 22.57 -6.44
N ASP B 261 22.18 22.96 -5.19
CA ASP B 261 20.89 23.11 -4.57
C ASP B 261 20.06 24.16 -5.23
N LEU B 262 18.75 24.00 -5.16
CA LEU B 262 17.86 24.93 -5.82
C LEU B 262 17.02 25.66 -4.86
N TYR B 263 17.01 26.97 -4.98
CA TYR B 263 16.18 27.79 -4.15
C TYR B 263 15.30 28.54 -5.13
N VAL B 264 14.00 28.56 -4.90
CA VAL B 264 13.07 29.14 -5.87
C VAL B 264 12.17 30.17 -5.23
N LYS B 265 12.07 31.33 -5.83
CA LYS B 265 11.24 32.39 -5.32
C LYS B 265 9.79 32.07 -5.54
N PRO B 266 8.96 32.22 -4.49
CA PRO B 266 7.58 31.90 -4.80
C PRO B 266 6.89 32.93 -5.65
N LYS B 267 7.22 34.18 -5.46
CA LYS B 267 6.51 35.22 -6.16
C LYS B 267 7.45 36.38 -6.31
N VAL B 268 7.53 36.94 -7.51
CA VAL B 268 8.32 38.13 -7.70
C VAL B 268 7.35 39.17 -8.17
N GLN B 269 7.44 40.38 -7.63
CA GLN B 269 6.52 41.46 -7.96
C GLN B 269 5.08 41.08 -7.77
N ASP B 270 4.79 40.30 -6.74
CA ASP B 270 3.42 39.87 -6.47
C ASP B 270 2.83 39.12 -7.63
N THR B 271 3.67 38.52 -8.46
CA THR B 271 3.16 37.69 -9.54
C THR B 271 3.83 36.35 -9.53
N TYR B 272 3.08 35.30 -9.85
CA TYR B 272 3.63 33.95 -9.90
C TYR B 272 4.08 33.61 -11.30
N LEU B 273 5.04 32.71 -11.43
CA LEU B 273 5.58 32.35 -12.73
C LEU B 273 4.61 31.73 -13.69
N TYR B 274 3.76 30.84 -13.23
CA TYR B 274 2.84 30.17 -14.14
C TYR B 274 1.99 31.19 -14.81
N SER B 275 1.55 32.18 -14.07
CA SER B 275 0.68 33.17 -14.63
C SER B 275 1.37 34.01 -15.65
N GLU B 276 2.63 34.32 -15.41
CA GLU B 276 3.40 35.10 -16.37
C GLU B 276 3.68 34.32 -17.62
N LEU B 277 4.02 33.05 -17.49
CA LEU B 277 4.26 32.20 -18.64
C LEU B 277 3.04 31.99 -19.49
N MET B 278 1.89 31.87 -18.87
CA MET B 278 0.66 31.69 -19.59
C MET B 278 0.27 32.86 -20.42
N LYS B 279 0.60 34.06 -19.98
CA LYS B 279 0.33 35.26 -20.75
C LYS B 279 1.14 35.28 -22.01
N LEU B 280 2.27 34.63 -22.01
CA LEU B 280 3.15 34.62 -23.15
C LEU B 280 2.60 33.88 -24.33
N GLU B 281 3.10 34.20 -25.51
CA GLU B 281 2.61 33.60 -26.73
C GLU B 281 3.50 32.45 -27.17
N PRO B 282 3.05 31.59 -28.11
CA PRO B 282 3.86 30.41 -28.37
C PRO B 282 5.30 30.57 -28.80
N GLN B 283 5.63 31.68 -29.44
CA GLN B 283 6.95 31.86 -29.99
C GLN B 283 7.90 32.64 -29.12
N GLN B 284 7.41 33.10 -27.98
CA GLN B 284 8.21 33.89 -27.07
C GLN B 284 9.05 33.03 -26.18
N THR B 285 9.83 32.17 -26.78
CA THR B 285 10.70 31.26 -26.07
C THR B 285 11.76 31.94 -25.23
N THR B 286 12.44 32.91 -25.80
CA THR B 286 13.50 33.60 -25.10
C THR B 286 12.96 34.24 -23.87
N GLU B 287 11.81 34.86 -23.99
CA GLU B 287 11.20 35.55 -22.88
C GLU B 287 10.86 34.64 -21.75
N ALA B 288 10.45 33.43 -22.08
CA ALA B 288 10.08 32.47 -21.08
C ALA B 288 11.24 32.07 -20.26
N LYS B 289 12.37 31.86 -20.90
CA LYS B 289 13.54 31.42 -20.21
C LYS B 289 14.02 32.48 -19.24
N GLU B 290 13.86 33.73 -19.60
CA GLU B 290 14.30 34.81 -18.75
C GLU B 290 13.42 34.87 -17.55
N LEU B 291 12.17 34.52 -17.72
CA LEU B 291 11.24 34.52 -16.62
C LEU B 291 11.57 33.45 -15.59
N VAL B 292 11.98 32.27 -16.02
CA VAL B 292 12.32 31.19 -15.10
C VAL B 292 13.50 31.59 -14.29
N LYS B 293 14.49 32.19 -14.92
CA LYS B 293 15.67 32.64 -14.21
C LYS B 293 15.37 33.72 -13.22
N LYS B 294 14.21 34.33 -13.35
CA LYS B 294 13.86 35.43 -12.48
C LYS B 294 13.26 34.90 -11.22
N TYR B 295 12.90 33.63 -11.24
CA TYR B 295 12.30 33.01 -10.08
C TYR B 295 13.27 32.06 -9.41
N ILE B 296 14.49 31.99 -9.92
CA ILE B 296 15.51 31.14 -9.33
C ILE B 296 16.43 32.03 -8.54
N VAL B 297 16.52 31.82 -7.23
CA VAL B 297 17.31 32.68 -6.37
C VAL B 297 18.77 32.71 -6.64
N LYS B 298 19.38 31.56 -6.83
CA LYS B 298 20.83 31.50 -6.97
C LYS B 298 21.60 32.83 -6.97
#